data_5GIU
#
_entry.id   5GIU
#
_cell.length_a   60.327
_cell.length_b   60.327
_cell.length_c   203.515
_cell.angle_alpha   90.00
_cell.angle_beta   90.00
_cell.angle_gamma   90.00
#
_symmetry.space_group_name_H-M   'P 43 21 2'
#
loop_
_entity.id
_entity.type
_entity.pdbx_description
1 polymer 'Proline dipeptidase'
2 non-polymer 'PHOSPHATE ION'
3 non-polymer 'SODIUM ION'
4 water water
#
_entity_poly.entity_id   1
_entity_poly.type   'polypeptide(L)'
_entity_poly.pdbx_seq_one_letter_code
;MSKMDQLRPVLGRAGVDALWVSAPANVRWLSGFTSAEDGKVLVSPDGATLYTDARYTVQAQEESSLPQYIARPPATYEHA
ADTVRGLRVGFEAESLTVAELEDLRQAWPNSTLVALRGTLGGLRAVKTPEEIGAIRAAQDLADRVYTEVRPMIRAGVREL
DVAVEIETRLRRAGGESAFELIVASGPNGAKPHGHASKRVIEDGDLVTIDMGARLGGYNSDMTRTVAVGTPSAEMKRVYD
AVLEAEEAAIAAIRPGVRAADLDKLARDLLTRHGLGEAFAHSLGHGVGLEVHEGPGLRGTSQDVLEAGMVITIEPGAYLP
GVGGVRIEDLILVTEDGYEVLSHSAKESV
;
_entity_poly.pdbx_strand_id   A
#
loop_
_chem_comp.id
_chem_comp.type
_chem_comp.name
_chem_comp.formula
NA non-polymer 'SODIUM ION' 'Na 1'
PO4 non-polymer 'PHOSPHATE ION' 'O4 P -3'
#
# COMPACT_ATOMS: atom_id res chain seq x y z
N SER A 2 -12.90 15.52 -9.87
CA SER A 2 -12.37 16.55 -8.98
C SER A 2 -10.95 16.23 -8.47
N LYS A 3 -10.48 14.99 -8.60
CA LYS A 3 -9.06 14.75 -8.36
C LYS A 3 -8.20 15.63 -9.27
N MET A 4 -8.51 15.68 -10.56
CA MET A 4 -7.75 16.56 -11.46
C MET A 4 -8.02 18.03 -11.15
N ASP A 5 -9.26 18.36 -10.73
CA ASP A 5 -9.63 19.74 -10.32
C ASP A 5 -8.74 20.21 -9.17
N GLN A 6 -8.41 19.30 -8.28
CA GLN A 6 -7.54 19.59 -7.14
C GLN A 6 -6.07 19.62 -7.51
N LEU A 7 -5.65 18.96 -8.59
CA LEU A 7 -4.21 18.80 -8.79
C LEU A 7 -3.56 20.10 -9.25
N ARG A 8 -4.20 20.86 -10.15
CA ARG A 8 -3.49 22.04 -10.62
C ARG A 8 -3.28 23.04 -9.49
N PRO A 9 -4.21 23.21 -8.56
CA PRO A 9 -3.88 24.05 -7.39
C PRO A 9 -2.73 23.47 -6.58
N VAL A 10 -2.65 22.14 -6.46
CA VAL A 10 -1.51 21.52 -5.78
C VAL A 10 -0.23 21.89 -6.51
N LEU A 11 -0.25 21.84 -7.84
CA LEU A 11 0.97 22.21 -8.58
C LEU A 11 1.35 23.66 -8.32
N GLY A 12 0.37 24.57 -8.38
CA GLY A 12 0.65 25.96 -8.04
C GLY A 12 1.29 26.13 -6.68
N ARG A 13 0.78 25.43 -5.66
CA ARG A 13 1.39 25.49 -4.35
C ARG A 13 2.80 24.94 -4.36
N ALA A 14 3.11 24.05 -5.30
CA ALA A 14 4.45 23.49 -5.42
C ALA A 14 5.39 24.38 -6.23
N GLY A 15 4.87 25.48 -6.79
CA GLY A 15 5.67 26.36 -7.57
C GLY A 15 5.92 25.93 -8.99
N VAL A 16 5.06 25.10 -9.56
CA VAL A 16 5.26 24.70 -10.95
C VAL A 16 3.98 24.90 -11.74
N ASP A 17 4.13 24.97 -13.08
CA ASP A 17 3.00 25.14 -13.98
C ASP A 17 2.47 23.85 -14.52
N ALA A 18 3.26 22.78 -14.45
CA ALA A 18 2.94 21.56 -15.16
C ALA A 18 3.64 20.44 -14.42
N LEU A 19 3.23 19.19 -14.71
CA LEU A 19 3.85 18.03 -14.05
C LEU A 19 3.95 16.92 -15.07
N TRP A 20 5.17 16.39 -15.21
CA TRP A 20 5.40 15.16 -15.96
C TRP A 20 5.27 14.00 -14.99
N VAL A 21 4.28 13.16 -15.25
CA VAL A 21 3.92 12.04 -14.36
C VAL A 21 4.48 10.77 -14.96
N SER A 22 5.42 10.16 -14.24
CA SER A 22 6.09 8.97 -14.71
C SER A 22 5.87 7.74 -13.81
N ALA A 23 5.49 7.95 -12.52
CA ALA A 23 5.35 6.79 -11.64
C ALA A 23 4.16 5.99 -12.11
N PRO A 24 4.29 4.69 -12.36
CA PRO A 24 3.15 3.95 -12.93
C PRO A 24 1.87 4.07 -12.13
N ALA A 25 1.93 4.00 -10.81
CA ALA A 25 0.66 4.13 -10.08
C ALA A 25 0.01 5.49 -10.30
N ASN A 26 0.81 6.57 -10.45
CA ASN A 26 0.21 7.89 -10.66
C ASN A 26 -0.28 8.07 -12.09
N VAL A 27 0.37 7.42 -13.07
CA VAL A 27 -0.17 7.42 -14.43
C VAL A 27 -1.54 6.75 -14.43
N ARG A 28 -1.65 5.61 -13.76
CA ARG A 28 -2.92 4.92 -13.67
C ARG A 28 -3.97 5.71 -12.88
N TRP A 29 -3.57 6.28 -11.74
CA TRP A 29 -4.49 7.07 -10.95
C TRP A 29 -5.09 8.24 -11.75
N LEU A 30 -4.26 8.93 -12.53
CA LEU A 30 -4.72 10.09 -13.27
C LEU A 30 -5.57 9.73 -14.48
N SER A 31 -5.30 8.61 -15.11
CA SER A 31 -5.87 8.37 -16.43
C SER A 31 -6.79 7.17 -16.51
N GLY A 32 -6.64 6.18 -15.63
CA GLY A 32 -7.40 4.95 -15.77
C GLY A 32 -6.68 3.88 -16.58
N PHE A 33 -5.55 4.23 -17.21
CA PHE A 33 -4.79 3.29 -18.03
C PHE A 33 -4.12 2.20 -17.17
N THR A 34 -4.36 0.94 -17.52
CA THR A 34 -3.94 -0.17 -16.66
C THR A 34 -2.63 -0.82 -17.07
N SER A 35 -1.97 -0.35 -18.13
CA SER A 35 -0.64 -0.82 -18.40
C SER A 35 0.26 0.38 -18.24
N ALA A 36 0.17 1.02 -17.06
CA ALA A 36 0.78 2.34 -16.85
C ALA A 36 2.28 2.36 -16.82
N GLU A 37 2.98 1.24 -16.71
CA GLU A 37 4.41 1.30 -16.91
C GLU A 37 4.78 1.78 -18.33
N ASP A 38 3.86 1.63 -19.29
CA ASP A 38 4.05 2.02 -20.68
C ASP A 38 3.26 3.26 -21.04
N GLY A 39 2.85 4.04 -20.05
CA GLY A 39 2.24 5.34 -20.30
C GLY A 39 2.92 6.40 -19.44
N LYS A 40 2.77 7.66 -19.88
CA LYS A 40 3.18 8.81 -19.08
C LYS A 40 2.06 9.82 -19.20
N VAL A 41 1.94 10.75 -18.21
CA VAL A 41 0.94 11.82 -18.29
C VAL A 41 1.60 13.19 -18.16
N LEU A 42 1.23 14.11 -19.04
CA LEU A 42 1.58 15.52 -18.83
C LEU A 42 0.34 16.25 -18.34
N VAL A 43 0.44 16.88 -17.16
CA VAL A 43 -0.54 17.84 -16.66
C VAL A 43 0.01 19.24 -16.92
N SER A 44 -0.75 20.05 -17.65
CA SER A 44 -0.23 21.35 -18.07
C SER A 44 -1.33 22.39 -17.99
N PRO A 45 -1.01 23.67 -18.18
CA PRO A 45 -2.09 24.67 -18.17
C PRO A 45 -3.11 24.44 -19.27
N ASP A 46 -2.77 23.66 -20.30
CA ASP A 46 -3.70 23.42 -21.37
C ASP A 46 -4.62 22.24 -21.16
N GLY A 47 -4.31 21.34 -20.22
CA GLY A 47 -5.08 20.10 -20.07
C GLY A 47 -4.19 18.98 -19.56
N ALA A 48 -4.61 17.75 -19.80
CA ALA A 48 -3.81 16.61 -19.35
C ALA A 48 -3.88 15.54 -20.43
N THR A 49 -2.73 14.96 -20.76
CA THR A 49 -2.64 14.06 -21.89
C THR A 49 -1.96 12.77 -21.46
N LEU A 50 -2.50 11.63 -21.88
CA LEU A 50 -1.83 10.34 -21.74
C LEU A 50 -1.01 10.02 -22.98
N TYR A 51 0.27 9.73 -22.78
CA TYR A 51 1.20 9.34 -23.84
C TYR A 51 1.44 7.83 -23.74
N THR A 52 1.18 7.13 -24.84
CA THR A 52 1.48 5.70 -24.88
C THR A 52 1.61 5.34 -26.34
N ASP A 53 2.10 4.12 -26.60
CA ASP A 53 2.39 3.72 -27.97
C ASP A 53 1.23 2.93 -28.62
N ALA A 54 1.36 2.69 -29.93
CA ALA A 54 0.23 2.26 -30.73
C ALA A 54 -0.17 0.80 -30.47
N ARG A 55 0.71 0.04 -29.82
CA ARG A 55 0.26 -1.26 -29.29
C ARG A 55 -0.89 -1.13 -28.31
N TYR A 56 -1.06 0.05 -27.69
CA TYR A 56 -2.12 0.26 -26.72
C TYR A 56 -3.27 1.11 -27.27
N THR A 57 -3.39 1.26 -28.60
CA THR A 57 -4.38 2.19 -29.10
C THR A 57 -5.76 1.88 -28.56
N VAL A 58 -6.21 0.63 -28.71
CA VAL A 58 -7.58 0.31 -28.36
C VAL A 58 -7.75 0.31 -26.84
N GLN A 59 -6.79 -0.30 -26.15
CA GLN A 59 -6.84 -0.35 -24.70
C GLN A 59 -6.93 1.06 -24.11
N ALA A 60 -6.06 1.96 -24.59
CA ALA A 60 -6.06 3.32 -24.06
C ALA A 60 -7.33 4.07 -24.42
N GLN A 61 -7.90 3.82 -25.61
CA GLN A 61 -9.16 4.50 -25.91
C GLN A 61 -10.25 4.00 -24.98
N GLU A 62 -10.25 2.71 -24.66
CA GLU A 62 -11.29 2.16 -23.78
C GLU A 62 -11.11 2.62 -22.34
N GLU A 63 -9.88 2.74 -21.86
CA GLU A 63 -9.59 2.93 -20.44
C GLU A 63 -9.40 4.37 -20.02
N SER A 64 -8.84 5.22 -20.89
CA SER A 64 -8.29 6.49 -20.44
C SER A 64 -9.34 7.57 -20.38
N SER A 65 -9.40 8.27 -19.24
CA SER A 65 -10.20 9.47 -19.11
C SER A 65 -9.51 10.73 -19.66
N LEU A 66 -8.26 10.63 -20.08
CA LEU A 66 -7.54 11.73 -20.70
C LEU A 66 -7.34 11.48 -22.19
N PRO A 67 -7.32 12.52 -22.99
CA PRO A 67 -6.96 12.39 -24.41
C PRO A 67 -5.58 11.75 -24.55
N GLN A 68 -5.39 11.00 -25.66
CA GLN A 68 -4.19 10.22 -25.88
C GLN A 68 -3.37 10.80 -27.01
N TYR A 69 -2.06 10.85 -26.82
CA TYR A 69 -1.12 11.07 -27.91
C TYR A 69 -0.36 9.77 -28.07
N ILE A 70 -0.41 9.18 -29.28
CA ILE A 70 0.03 7.81 -29.51
C ILE A 70 1.37 7.88 -30.24
N ALA A 71 2.43 7.48 -29.58
CA ALA A 71 3.79 7.47 -30.14
C ALA A 71 4.67 6.70 -29.16
N ARG A 72 5.88 6.34 -29.62
CA ARG A 72 6.87 5.88 -28.65
C ARG A 72 7.77 7.03 -28.17
N PRO A 73 8.39 6.88 -27.00
CA PRO A 73 9.45 7.80 -26.65
C PRO A 73 10.59 7.74 -27.70
N PRO A 74 11.19 8.89 -28.08
CA PRO A 74 11.11 10.23 -27.52
C PRO A 74 10.08 11.11 -28.20
N ALA A 75 9.33 10.58 -29.16
CA ALA A 75 8.35 11.42 -29.85
C ALA A 75 7.32 11.95 -28.86
N THR A 76 7.01 11.20 -27.81
CA THR A 76 6.01 11.64 -26.84
C THR A 76 6.39 12.95 -26.18
N TYR A 77 7.53 12.98 -25.47
CA TYR A 77 7.86 14.23 -24.81
C TYR A 77 8.40 15.28 -25.77
N GLU A 78 8.88 14.91 -26.98
CA GLU A 78 9.21 15.94 -27.96
C GLU A 78 7.95 16.63 -28.41
N HIS A 79 6.90 15.86 -28.66
CA HIS A 79 5.62 16.46 -29.02
C HIS A 79 5.10 17.35 -27.91
N ALA A 80 5.29 16.91 -26.65
CA ALA A 80 4.84 17.69 -25.49
C ALA A 80 5.60 19.00 -25.36
N ALA A 81 6.79 19.11 -25.96
CA ALA A 81 7.65 20.24 -25.69
C ALA A 81 6.95 21.55 -26.00
N ASP A 82 6.14 21.58 -27.06
CA ASP A 82 5.42 22.79 -27.43
C ASP A 82 4.52 23.27 -26.30
N THR A 83 3.93 22.34 -25.57
CA THR A 83 2.99 22.67 -24.51
C THR A 83 3.71 23.28 -23.30
N VAL A 84 4.98 22.94 -23.06
CA VAL A 84 5.65 23.36 -21.84
C VAL A 84 6.67 24.46 -22.07
N ARG A 85 6.72 25.05 -23.28
CA ARG A 85 7.63 26.18 -23.53
C ARG A 85 7.42 27.30 -22.50
N GLY A 86 8.52 27.79 -21.92
CA GLY A 86 8.42 28.89 -20.98
C GLY A 86 7.94 28.54 -19.60
N LEU A 87 7.63 27.26 -19.33
CA LEU A 87 7.02 26.89 -18.08
C LEU A 87 8.02 26.24 -17.13
N ARG A 88 7.63 26.26 -15.84
CA ARG A 88 8.23 25.43 -14.80
C ARG A 88 7.50 24.10 -14.80
N VAL A 89 8.19 23.00 -15.13
CA VAL A 89 7.59 21.68 -15.24
C VAL A 89 8.12 20.84 -14.10
N GLY A 90 7.26 20.47 -13.18
CA GLY A 90 7.67 19.52 -12.14
C GLY A 90 7.81 18.13 -12.72
N PHE A 91 8.65 17.32 -12.06
CA PHE A 91 8.71 15.90 -12.36
C PHE A 91 8.83 15.16 -11.04
N GLU A 92 8.63 13.87 -11.08
CA GLU A 92 8.56 13.08 -9.84
C GLU A 92 9.96 12.58 -9.53
N ALA A 93 10.66 13.26 -8.64
CA ALA A 93 12.08 13.01 -8.45
C ALA A 93 12.35 11.66 -7.81
N GLU A 94 11.38 11.10 -7.11
CA GLU A 94 11.58 9.80 -6.49
C GLU A 94 11.28 8.67 -7.45
N SER A 95 10.81 8.98 -8.67
CA SER A 95 10.47 8.00 -9.68
C SER A 95 11.37 8.10 -10.89
N LEU A 96 11.52 9.30 -11.42
CA LEU A 96 12.23 9.50 -12.67
C LEU A 96 13.72 9.18 -12.50
N THR A 97 14.31 8.44 -13.44
CA THR A 97 15.74 8.18 -13.38
C THR A 97 16.50 9.38 -13.90
N VAL A 98 17.81 9.41 -13.60
CA VAL A 98 18.61 10.52 -14.10
C VAL A 98 18.64 10.50 -15.59
N ALA A 99 18.75 9.31 -16.18
CA ALA A 99 18.78 9.24 -17.65
C ALA A 99 17.50 9.81 -18.23
N GLU A 100 16.36 9.49 -17.61
CA GLU A 100 15.07 10.02 -18.12
C GLU A 100 15.04 11.53 -17.97
N LEU A 101 15.56 12.07 -16.83
CA LEU A 101 15.63 13.51 -16.71
C LEU A 101 16.49 14.12 -17.80
N GLU A 102 17.63 13.51 -18.11
CA GLU A 102 18.48 14.08 -19.14
C GLU A 102 17.75 14.11 -20.46
N ASP A 103 16.95 13.07 -20.72
CA ASP A 103 16.18 13.01 -21.97
C ASP A 103 15.18 14.17 -22.04
N LEU A 104 14.48 14.45 -20.92
CA LEU A 104 13.54 15.55 -20.90
C LEU A 104 14.27 16.89 -21.01
N ARG A 105 15.44 17.03 -20.36
CA ARG A 105 16.17 18.29 -20.41
C ARG A 105 16.54 18.63 -21.86
N GLN A 106 16.93 17.60 -22.63
CA GLN A 106 17.30 17.82 -24.03
C GLN A 106 16.07 18.22 -24.85
N ALA A 107 14.94 17.57 -24.55
CA ALA A 107 13.71 17.80 -25.32
C ALA A 107 13.10 19.16 -24.97
N TRP A 108 13.26 19.64 -23.74
CA TRP A 108 12.61 20.86 -23.25
C TRP A 108 13.60 21.97 -22.89
N PRO A 109 14.39 22.44 -23.84
CA PRO A 109 15.46 23.42 -23.50
C PRO A 109 14.91 24.74 -23.05
N ASN A 110 13.66 25.06 -23.37
CA ASN A 110 13.07 26.34 -22.98
C ASN A 110 12.13 26.20 -21.82
N SER A 111 12.24 25.13 -21.05
CA SER A 111 11.48 24.92 -19.84
C SER A 111 12.44 24.85 -18.67
N THR A 112 11.93 25.08 -17.50
CA THR A 112 12.68 24.84 -16.27
C THR A 112 12.14 23.57 -15.62
N LEU A 113 12.99 22.55 -15.49
CA LEU A 113 12.58 21.29 -14.89
C LEU A 113 12.78 21.38 -13.39
N VAL A 114 11.73 21.05 -12.63
CA VAL A 114 11.72 21.25 -11.17
C VAL A 114 11.51 19.91 -10.49
N ALA A 115 12.48 19.48 -9.72
CA ALA A 115 12.40 18.22 -8.99
C ALA A 115 11.41 18.33 -7.84
N LEU A 116 10.39 17.46 -7.82
CA LEU A 116 9.38 17.46 -6.76
C LEU A 116 9.32 16.10 -6.12
N ARG A 117 8.98 16.07 -4.82
CA ARG A 117 8.82 14.79 -4.12
C ARG A 117 7.42 14.68 -3.52
N GLY A 118 6.77 13.54 -3.70
CA GLY A 118 5.48 13.33 -3.04
C GLY A 118 4.30 14.17 -3.54
N THR A 119 4.41 14.74 -4.72
CA THR A 119 3.41 15.70 -5.16
C THR A 119 2.00 15.12 -5.12
N LEU A 120 1.80 13.89 -5.62
CA LEU A 120 0.46 13.35 -5.70
C LEU A 120 0.10 12.50 -4.48
N GLY A 121 1.02 12.34 -3.55
CA GLY A 121 0.79 11.42 -2.43
C GLY A 121 -0.39 11.79 -1.54
N GLY A 122 -0.63 13.09 -1.34
CA GLY A 122 -1.78 13.48 -0.55
C GLY A 122 -3.09 13.28 -1.28
N LEU A 123 -3.10 13.50 -2.60
CA LEU A 123 -4.32 13.28 -3.36
C LEU A 123 -4.67 11.82 -3.49
N ARG A 124 -3.68 10.94 -3.58
CA ARG A 124 -3.94 9.51 -3.66
C ARG A 124 -4.49 8.97 -2.36
N ALA A 125 -4.23 9.66 -1.26
CA ALA A 125 -4.56 9.06 0.03
C ALA A 125 -6.05 8.96 0.26
N VAL A 126 -6.84 9.89 -0.24
CA VAL A 126 -8.28 9.85 -0.07
C VAL A 126 -8.86 9.17 -1.30
N LYS A 127 -9.56 8.06 -1.08
CA LYS A 127 -10.08 7.26 -2.19
C LYS A 127 -11.46 7.71 -2.61
N THR A 128 -11.76 7.53 -3.89
CA THR A 128 -13.13 7.71 -4.36
C THR A 128 -13.95 6.49 -4.04
N PRO A 129 -15.27 6.60 -4.15
CA PRO A 129 -16.15 5.44 -3.95
C PRO A 129 -15.79 4.26 -4.83
N GLU A 130 -15.43 4.52 -6.11
CA GLU A 130 -15.04 3.42 -7.00
C GLU A 130 -13.81 2.72 -6.48
N GLU A 131 -12.86 3.48 -5.97
CA GLU A 131 -11.62 2.85 -5.50
C GLU A 131 -11.90 2.04 -4.24
N ILE A 132 -12.72 2.58 -3.33
CA ILE A 132 -13.07 1.81 -2.14
C ILE A 132 -13.72 0.49 -2.53
N GLY A 133 -14.61 0.52 -3.52
CA GLY A 133 -15.22 -0.72 -3.99
C GLY A 133 -14.17 -1.73 -4.46
N ALA A 134 -13.17 -1.25 -5.21
CA ALA A 134 -12.11 -2.13 -5.70
C ALA A 134 -11.31 -2.72 -4.56
N ILE A 135 -11.00 -1.90 -3.54
CA ILE A 135 -10.21 -2.39 -2.42
C ILE A 135 -11.02 -3.40 -1.62
N ARG A 136 -12.33 -3.12 -1.41
CA ARG A 136 -13.19 -4.13 -0.76
C ARG A 136 -13.15 -5.44 -1.49
N ALA A 137 -13.20 -5.40 -2.84
CA ALA A 137 -13.21 -6.66 -3.57
C ALA A 137 -11.89 -7.42 -3.42
N ALA A 138 -10.76 -6.66 -3.39
CA ALA A 138 -9.48 -7.33 -3.20
C ALA A 138 -9.40 -7.94 -1.80
N GLN A 139 -9.79 -7.18 -0.78
CA GLN A 139 -9.75 -7.72 0.58
C GLN A 139 -10.75 -8.85 0.76
N ASP A 140 -11.89 -8.80 0.10
CA ASP A 140 -12.82 -9.91 0.22
C ASP A 140 -12.21 -11.18 -0.36
N LEU A 141 -11.46 -11.05 -1.47
CA LEU A 141 -10.80 -12.21 -2.05
C LEU A 141 -9.75 -12.71 -1.09
N ALA A 142 -8.99 -11.79 -0.49
CA ALA A 142 -7.98 -12.21 0.49
C ALA A 142 -8.59 -12.94 1.66
N ASP A 143 -9.70 -12.39 2.20
CA ASP A 143 -10.39 -13.06 3.32
C ASP A 143 -10.90 -14.44 2.92
N ARG A 144 -11.50 -14.56 1.74
CA ARG A 144 -11.99 -15.88 1.33
C ARG A 144 -10.84 -16.90 1.28
N VAL A 145 -9.73 -16.52 0.66
CA VAL A 145 -8.64 -17.47 0.53
C VAL A 145 -7.98 -17.76 1.86
N TYR A 146 -7.74 -16.72 2.70
CA TYR A 146 -7.19 -16.99 4.03
C TYR A 146 -8.09 -17.97 4.77
N THR A 147 -9.41 -17.72 4.75
CA THR A 147 -10.33 -18.56 5.52
C THR A 147 -10.32 -19.99 4.98
N GLU A 148 -10.20 -20.15 3.68
CA GLU A 148 -10.11 -21.48 3.09
C GLU A 148 -8.83 -22.21 3.47
N VAL A 149 -7.70 -21.50 3.50
CA VAL A 149 -6.40 -22.10 3.71
C VAL A 149 -6.05 -22.32 5.19
N ARG A 150 -6.54 -21.47 6.09
CA ARG A 150 -6.08 -21.50 7.48
C ARG A 150 -6.18 -22.88 8.13
N PRO A 151 -7.18 -23.73 7.84
CA PRO A 151 -7.21 -25.04 8.49
C PRO A 151 -6.00 -25.90 8.19
N MET A 152 -5.31 -25.64 7.08
CA MET A 152 -4.11 -26.41 6.74
C MET A 152 -2.94 -26.09 7.66
N ILE A 153 -3.01 -24.99 8.41
CA ILE A 153 -1.90 -24.56 9.25
C ILE A 153 -1.92 -25.41 10.51
N ARG A 154 -0.98 -26.35 10.59
CA ARG A 154 -0.91 -27.33 11.65
C ARG A 154 0.52 -27.86 11.72
N ALA A 155 0.83 -28.59 12.79
CA ALA A 155 2.17 -29.17 12.95
C ALA A 155 2.53 -30.04 11.75
N GLY A 156 3.80 -29.94 11.31
CA GLY A 156 4.29 -30.76 10.22
C GLY A 156 4.28 -30.10 8.86
N VAL A 157 3.55 -28.97 8.72
CA VAL A 157 3.41 -28.27 7.43
C VAL A 157 4.55 -27.28 7.24
N ARG A 158 5.13 -27.23 6.03
CA ARG A 158 6.12 -26.18 5.74
C ARG A 158 5.48 -24.81 5.60
N GLU A 159 6.16 -23.78 6.12
CA GLU A 159 5.69 -22.41 5.87
C GLU A 159 5.45 -22.17 4.38
N LEU A 160 6.40 -22.61 3.55
CA LEU A 160 6.34 -22.37 2.11
C LEU A 160 5.06 -22.94 1.54
N ASP A 161 4.63 -24.09 2.05
CA ASP A 161 3.46 -24.76 1.46
C ASP A 161 2.19 -23.99 1.77
N VAL A 162 2.11 -23.31 2.93
CA VAL A 162 0.97 -22.46 3.21
C VAL A 162 0.95 -21.30 2.23
N ALA A 163 2.13 -20.70 1.99
CA ALA A 163 2.21 -19.59 1.04
C ALA A 163 1.81 -20.04 -0.36
N VAL A 164 2.33 -21.21 -0.78
CA VAL A 164 2.00 -21.71 -2.13
C VAL A 164 0.49 -21.84 -2.26
N GLU A 165 -0.16 -22.41 -1.24
CA GLU A 165 -1.61 -22.63 -1.32
C GLU A 165 -2.37 -21.31 -1.42
N ILE A 166 -1.95 -20.30 -0.66
CA ILE A 166 -2.61 -19.00 -0.75
C ILE A 166 -2.42 -18.41 -2.15
N GLU A 167 -1.17 -18.39 -2.64
CA GLU A 167 -0.87 -17.84 -3.97
C GLU A 167 -1.65 -18.55 -5.06
N THR A 168 -1.74 -19.88 -4.99
CA THR A 168 -2.45 -20.66 -6.02
C THR A 168 -3.90 -20.23 -6.11
N ARG A 169 -4.54 -20.09 -4.95
CA ARG A 169 -5.96 -19.75 -4.92
C ARG A 169 -6.21 -18.31 -5.36
N LEU A 170 -5.33 -17.38 -4.94
CA LEU A 170 -5.47 -16.00 -5.40
C LEU A 170 -5.38 -15.92 -6.92
N ARG A 171 -4.37 -16.62 -7.50
CA ARG A 171 -4.17 -16.55 -8.94
C ARG A 171 -5.33 -17.24 -9.69
N ARG A 172 -5.81 -18.37 -9.19
CA ARG A 172 -6.88 -19.11 -9.89
C ARG A 172 -8.16 -18.27 -9.91
N ALA A 173 -8.34 -17.43 -8.89
CA ALA A 173 -9.49 -16.53 -8.82
C ALA A 173 -9.36 -15.33 -9.73
N GLY A 174 -8.24 -15.14 -10.42
CA GLY A 174 -8.06 -13.97 -11.26
C GLY A 174 -7.39 -12.79 -10.60
N GLY A 175 -6.88 -12.96 -9.38
CA GLY A 175 -6.04 -11.97 -8.74
C GLY A 175 -4.59 -12.44 -8.62
N GLU A 176 -3.87 -11.82 -7.68
CA GLU A 176 -2.50 -12.25 -7.44
C GLU A 176 -2.16 -11.86 -6.01
N SER A 177 -1.20 -12.56 -5.43
CA SER A 177 -0.63 -12.10 -4.19
C SER A 177 -0.06 -10.69 -4.35
N ALA A 178 -0.36 -9.82 -3.37
CA ALA A 178 -0.06 -8.42 -3.59
C ALA A 178 1.39 -8.11 -3.31
N PHE A 179 2.10 -9.00 -2.62
CA PHE A 179 3.47 -8.78 -2.17
C PHE A 179 3.99 -10.10 -1.65
N GLU A 180 5.32 -10.19 -1.44
CA GLU A 180 5.85 -11.51 -1.10
C GLU A 180 5.26 -12.00 0.23
N LEU A 181 4.60 -13.14 0.16
CA LEU A 181 3.78 -13.62 1.29
C LEU A 181 4.67 -14.05 2.43
N ILE A 182 4.30 -13.65 3.63
CA ILE A 182 5.02 -14.06 4.84
C ILE A 182 4.20 -15.11 5.58
N VAL A 183 4.84 -16.25 5.86
CA VAL A 183 4.28 -17.24 6.76
C VAL A 183 5.43 -17.57 7.71
N ALA A 184 5.39 -17.06 8.93
CA ALA A 184 6.55 -17.08 9.81
C ALA A 184 6.15 -17.77 11.11
N SER A 185 6.75 -18.94 11.33
CA SER A 185 6.45 -19.79 12.50
C SER A 185 7.60 -19.83 13.49
N GLY A 186 7.21 -19.94 14.76
CA GLY A 186 8.20 -20.10 15.81
C GLY A 186 9.17 -18.94 15.78
N PRO A 187 10.45 -19.24 15.93
CA PRO A 187 11.44 -18.16 15.91
C PRO A 187 11.45 -17.38 14.64
N ASN A 188 10.94 -17.93 13.52
CA ASN A 188 10.85 -17.09 12.34
C ASN A 188 9.88 -15.93 12.50
N GLY A 189 8.96 -16.02 13.45
CA GLY A 189 8.05 -14.91 13.75
C GLY A 189 8.73 -13.73 14.39
N ALA A 190 9.98 -13.87 14.82
CA ALA A 190 10.70 -12.72 15.34
C ALA A 190 11.45 -11.97 14.25
N LYS A 191 11.72 -12.62 13.11
CA LYS A 191 12.68 -12.08 12.13
C LYS A 191 12.10 -10.85 11.42
N PRO A 192 12.89 -9.79 11.23
CA PRO A 192 12.44 -8.67 10.38
C PRO A 192 12.27 -9.09 8.92
N HIS A 193 13.31 -9.68 8.33
CA HIS A 193 13.22 -10.24 6.98
C HIS A 193 12.80 -11.70 7.02
N HIS A 195 10.23 -14.11 5.07
CA HIS A 195 9.10 -14.43 4.22
C HIS A 195 8.48 -15.80 4.56
N ALA A 196 8.36 -16.71 3.62
CA ALA A 196 7.87 -18.07 3.91
C ALA A 196 8.99 -19.03 3.56
N SER A 197 9.58 -19.68 4.58
CA SER A 197 10.70 -20.57 4.34
C SER A 197 10.23 -22.03 4.26
N LYS A 198 11.21 -22.94 4.13
CA LYS A 198 10.87 -24.37 4.17
C LYS A 198 10.69 -24.91 5.60
N ARG A 199 10.83 -24.05 6.62
CA ARG A 199 10.71 -24.52 7.99
C ARG A 199 9.35 -25.20 8.21
N VAL A 200 9.39 -26.31 8.95
CA VAL A 200 8.22 -27.08 9.36
C VAL A 200 7.67 -26.48 10.64
N ILE A 201 6.38 -26.18 10.60
CA ILE A 201 5.66 -25.65 11.77
C ILE A 201 5.62 -26.71 12.86
N GLU A 202 5.88 -26.30 14.12
CA GLU A 202 5.98 -27.24 15.24
C GLU A 202 4.83 -27.02 16.21
N ASP A 203 4.34 -28.10 16.81
CA ASP A 203 3.39 -27.97 17.91
C ASP A 203 3.92 -26.99 18.95
N GLY A 204 3.08 -26.04 19.38
CA GLY A 204 3.50 -25.00 20.27
C GLY A 204 3.81 -23.69 19.59
N ASP A 205 4.04 -23.69 18.27
CA ASP A 205 4.37 -22.46 17.57
C ASP A 205 3.16 -21.55 17.38
N LEU A 206 3.43 -20.23 17.40
CA LEU A 206 2.57 -19.26 16.72
C LEU A 206 3.04 -19.16 15.25
N VAL A 207 2.09 -18.81 14.38
CA VAL A 207 2.37 -18.69 12.93
C VAL A 207 1.78 -17.36 12.52
N THR A 208 2.59 -16.49 11.92
CA THR A 208 2.14 -15.19 11.46
C THR A 208 1.98 -15.24 9.94
N ILE A 209 0.80 -14.85 9.47
CA ILE A 209 0.47 -14.91 8.02
C ILE A 209 0.22 -13.48 7.59
N ASP A 210 1.13 -12.91 6.76
CA ASP A 210 1.01 -11.53 6.27
C ASP A 210 0.74 -11.60 4.79
N MET A 211 -0.46 -11.22 4.35
CA MET A 211 -0.84 -11.43 2.94
C MET A 211 -1.79 -10.34 2.45
N GLY A 212 -1.85 -10.19 1.12
CA GLY A 212 -2.82 -9.30 0.51
C GLY A 212 -3.12 -9.79 -0.87
N ALA A 213 -4.26 -9.35 -1.41
CA ALA A 213 -4.59 -9.65 -2.79
C ALA A 213 -4.51 -8.38 -3.61
N ARG A 214 -4.00 -8.49 -4.86
CA ARG A 214 -4.14 -7.44 -5.85
C ARG A 214 -5.20 -7.91 -6.84
N LEU A 215 -6.21 -7.07 -7.05
CA LEU A 215 -7.33 -7.44 -7.92
C LEU A 215 -7.82 -6.18 -8.62
N GLY A 216 -7.90 -6.24 -9.95
CA GLY A 216 -8.31 -5.01 -10.62
C GLY A 216 -7.42 -3.79 -10.41
N GLY A 217 -6.13 -3.99 -10.20
CA GLY A 217 -5.18 -2.92 -9.93
C GLY A 217 -5.17 -2.36 -8.50
N TYR A 218 -6.08 -2.83 -7.63
CA TYR A 218 -6.13 -2.34 -6.26
C TYR A 218 -5.72 -3.43 -5.28
N ASN A 219 -5.13 -3.01 -4.17
CA ASN A 219 -4.52 -3.93 -3.21
C ASN A 219 -5.29 -4.05 -1.92
N SER A 220 -5.01 -5.14 -1.22
CA SER A 220 -5.47 -5.29 0.16
C SER A 220 -4.29 -5.72 1.00
N ASP A 221 -4.49 -5.81 2.32
CA ASP A 221 -3.38 -6.13 3.22
C ASP A 221 -3.94 -6.49 4.59
N MET A 222 -3.61 -7.69 5.11
CA MET A 222 -3.95 -8.02 6.49
C MET A 222 -2.82 -8.86 7.06
N THR A 223 -2.83 -9.04 8.39
CA THR A 223 -1.91 -9.99 9.00
C THR A 223 -2.66 -10.68 10.13
N ARG A 224 -2.39 -11.97 10.27
CA ARG A 224 -3.02 -12.74 11.34
C ARG A 224 -1.93 -13.53 11.99
N THR A 225 -2.05 -13.79 13.29
CA THR A 225 -1.25 -14.82 13.92
C THR A 225 -2.17 -15.86 14.55
N VAL A 226 -1.80 -17.13 14.45
CA VAL A 226 -2.59 -18.24 14.97
C VAL A 226 -1.67 -19.16 15.75
N ALA A 227 -2.26 -19.91 16.66
CA ALA A 227 -1.52 -20.90 17.43
C ALA A 227 -1.71 -22.28 16.81
N VAL A 228 -0.63 -23.03 16.79
CA VAL A 228 -0.65 -24.47 16.56
C VAL A 228 -0.44 -25.14 17.91
N GLY A 229 -1.49 -25.77 18.45
CA GLY A 229 -1.26 -26.30 19.78
C GLY A 229 -1.22 -25.19 20.82
N THR A 230 -0.54 -25.46 21.93
CA THR A 230 -0.56 -24.50 23.04
C THR A 230 0.75 -23.76 23.08
N PRO A 231 0.74 -22.46 22.90
CA PRO A 231 1.98 -21.68 22.96
C PRO A 231 2.49 -21.57 24.39
N SER A 232 3.75 -21.13 24.50
CA SER A 232 4.26 -20.84 25.82
C SER A 232 3.44 -19.72 26.44
N ALA A 233 3.44 -19.68 27.78
CA ALA A 233 2.76 -18.58 28.44
C ALA A 233 3.29 -17.25 27.96
N GLU A 234 4.60 -17.18 27.74
CA GLU A 234 5.22 -15.96 27.26
C GLU A 234 4.66 -15.54 25.89
N MET A 235 4.66 -16.46 24.92
CA MET A 235 4.18 -16.05 23.61
C MET A 235 2.69 -15.76 23.63
N LYS A 236 1.93 -16.41 24.52
CA LYS A 236 0.54 -16.00 24.70
C LYS A 236 0.42 -14.56 25.20
N ARG A 237 1.28 -14.15 26.15
CA ARG A 237 1.26 -12.75 26.61
C ARG A 237 1.58 -11.78 25.47
N VAL A 238 2.56 -12.13 24.62
CA VAL A 238 2.90 -11.29 23.48
C VAL A 238 1.71 -11.15 22.56
N TYR A 239 1.08 -12.29 22.22
CA TYR A 239 -0.07 -12.26 21.30
C TYR A 239 -1.19 -11.38 21.86
N ASP A 240 -1.52 -11.59 23.13
CA ASP A 240 -2.65 -10.88 23.70
C ASP A 240 -2.36 -9.39 23.77
N ALA A 241 -1.10 -9.03 24.04
CA ALA A 241 -0.72 -7.61 24.05
C ALA A 241 -0.82 -7.01 22.67
N VAL A 242 -0.37 -7.75 21.65
CA VAL A 242 -0.41 -7.19 20.31
C VAL A 242 -1.84 -7.02 19.86
N LEU A 243 -2.72 -7.99 20.16
CA LEU A 243 -4.13 -7.84 19.80
C LEU A 243 -4.76 -6.68 20.53
N GLU A 244 -4.44 -6.54 21.83
CA GLU A 244 -4.91 -5.38 22.61
C GLU A 244 -4.49 -4.08 21.93
N ALA A 245 -3.21 -4.01 21.50
CA ALA A 245 -2.73 -2.79 20.89
C ALA A 245 -3.46 -2.50 19.56
N GLU A 246 -3.65 -3.54 18.75
CA GLU A 246 -4.28 -3.38 17.44
C GLU A 246 -5.72 -2.87 17.60
N GLU A 247 -6.47 -3.47 18.53
CA GLU A 247 -7.87 -3.08 18.64
C GLU A 247 -7.99 -1.70 19.27
N ALA A 248 -7.05 -1.34 20.13
CA ALA A 248 -7.10 0.00 20.71
C ALA A 248 -6.77 1.05 19.68
N ALA A 249 -5.73 0.81 18.87
CA ALA A 249 -5.41 1.82 17.87
C ALA A 249 -6.53 1.96 16.85
N ILE A 250 -7.10 0.85 16.39
CA ILE A 250 -8.22 0.92 15.45
C ILE A 250 -9.36 1.77 16.02
N ALA A 251 -9.66 1.58 17.29
CA ALA A 251 -10.80 2.27 17.87
C ALA A 251 -10.61 3.79 17.99
N ALA A 252 -9.39 4.30 17.85
CA ALA A 252 -9.14 5.74 17.84
C ALA A 252 -9.19 6.37 16.43
N ILE A 253 -9.44 5.59 15.38
CA ILE A 253 -9.45 6.16 14.02
C ILE A 253 -10.72 6.99 13.82
N ARG A 254 -10.55 8.19 13.27
CA ARG A 254 -11.65 9.09 12.95
C ARG A 254 -11.06 10.23 12.17
N PRO A 255 -11.88 10.97 11.43
CA PRO A 255 -11.30 12.13 10.72
C PRO A 255 -10.71 13.09 11.72
N GLY A 256 -9.51 13.60 11.40
CA GLY A 256 -8.85 14.57 12.26
C GLY A 256 -7.86 13.98 13.24
N VAL A 257 -7.85 12.66 13.46
CA VAL A 257 -6.85 12.12 14.39
C VAL A 257 -5.50 12.17 13.72
N ARG A 258 -4.47 12.51 14.50
CA ARG A 258 -3.12 12.53 13.93
C ARG A 258 -2.56 11.12 13.86
N ALA A 259 -2.00 10.76 12.70
CA ALA A 259 -1.34 9.46 12.51
C ALA A 259 -0.31 9.22 13.61
N ALA A 260 0.46 10.26 13.98
CA ALA A 260 1.49 10.05 15.01
C ALA A 260 0.89 9.74 16.38
N ASP A 261 -0.31 10.24 16.64
CA ASP A 261 -0.93 9.97 17.92
C ASP A 261 -1.46 8.53 17.96
N LEU A 262 -1.88 7.97 16.80
CA LEU A 262 -2.19 6.55 16.77
C LEU A 262 -0.94 5.74 17.08
N ASP A 263 0.18 6.09 16.43
CA ASP A 263 1.41 5.40 16.78
C ASP A 263 1.72 5.47 18.29
N LYS A 264 1.58 6.64 18.90
CA LYS A 264 1.89 6.78 20.32
C LYS A 264 0.97 5.89 21.17
N LEU A 265 -0.31 5.81 20.78
CA LEU A 265 -1.23 4.99 21.55
C LEU A 265 -0.78 3.55 21.57
N ALA A 266 -0.32 3.03 20.43
CA ALA A 266 0.11 1.65 20.40
C ALA A 266 1.43 1.45 21.11
N ARG A 267 2.37 2.39 20.97
CA ARG A 267 3.64 2.17 21.68
C ARG A 267 3.48 2.27 23.17
N ASP A 268 2.64 3.20 23.66
CA ASP A 268 2.40 3.27 25.09
C ASP A 268 1.77 1.98 25.63
N LEU A 269 0.81 1.41 24.86
CA LEU A 269 0.16 0.18 25.31
C LEU A 269 1.14 -1.00 25.36
N LEU A 270 1.94 -1.16 24.32
CA LEU A 270 2.96 -2.21 24.36
C LEU A 270 3.96 -2.00 25.51
N THR A 271 4.34 -0.74 25.79
CA THR A 271 5.24 -0.52 26.92
C THR A 271 4.60 -0.96 28.22
N ARG A 272 3.33 -0.62 28.41
CA ARG A 272 2.62 -0.98 29.64
C ARG A 272 2.58 -2.49 29.83
N HIS A 273 2.61 -3.24 28.72
CA HIS A 273 2.52 -4.68 28.77
C HIS A 273 3.91 -5.33 28.64
N GLY A 274 4.96 -4.56 28.96
CA GLY A 274 6.32 -5.07 29.04
C GLY A 274 6.90 -5.42 27.69
N LEU A 275 6.41 -4.79 26.62
CA LEU A 275 6.89 -5.02 25.27
C LEU A 275 7.30 -3.71 24.59
N GLY A 276 7.78 -2.75 25.37
CA GLY A 276 8.09 -1.42 24.88
C GLY A 276 9.43 -1.20 24.21
N GLU A 277 10.22 -2.26 23.99
CA GLU A 277 11.35 -2.16 23.08
C GLU A 277 11.28 -3.26 22.01
N ALA A 278 10.14 -3.95 21.90
CA ALA A 278 9.99 -5.05 20.96
C ALA A 278 9.27 -4.69 19.66
N PHE A 279 8.62 -3.51 19.58
CA PHE A 279 7.70 -3.19 18.48
C PHE A 279 8.40 -2.49 17.29
N ALA A 280 7.76 -2.59 16.11
CA ALA A 280 8.25 -1.92 14.91
C ALA A 280 7.98 -0.40 15.00
N HIS A 281 8.61 0.36 14.10
CA HIS A 281 8.62 1.82 14.26
C HIS A 281 7.60 2.53 13.38
N SER A 282 6.80 1.79 12.59
CA SER A 282 5.60 2.38 12.01
C SER A 282 4.42 1.50 12.35
N LEU A 283 3.30 2.14 12.70
CA LEU A 283 2.09 1.40 13.02
C LEU A 283 1.32 1.01 11.78
N GLY A 284 1.55 1.67 10.65
CA GLY A 284 0.73 1.33 9.49
C GLY A 284 0.91 2.31 8.36
N HIS A 285 0.19 2.04 7.26
CA HIS A 285 0.38 2.79 6.02
C HIS A 285 -0.89 2.77 5.21
N GLY A 286 -1.02 3.73 4.31
CA GLY A 286 -2.09 3.62 3.32
C GLY A 286 -1.90 2.47 2.35
N VAL A 287 -3.01 2.09 1.73
CA VAL A 287 -3.09 1.00 0.77
C VAL A 287 -3.99 1.47 -0.36
N GLY A 288 -3.60 1.17 -1.61
CA GLY A 288 -4.45 1.51 -2.71
C GLY A 288 -3.91 0.89 -3.99
N LEU A 289 -3.54 1.75 -4.96
CA LEU A 289 -2.87 1.22 -6.15
C LEU A 289 -1.52 0.60 -5.81
N GLU A 290 -0.93 0.91 -4.65
CA GLU A 290 0.27 0.25 -4.16
C GLU A 290 -0.06 -0.32 -2.78
N VAL A 291 0.67 -1.36 -2.37
CA VAL A 291 0.52 -1.90 -1.02
C VAL A 291 0.94 -0.90 0.03
N HIS A 292 2.02 -0.15 -0.22
CA HIS A 292 2.52 0.84 0.73
C HIS A 292 2.42 2.23 0.11
N GLU A 293 1.56 3.07 0.65
CA GLU A 293 1.38 4.41 0.17
C GLU A 293 0.90 5.29 1.33
N GLY A 294 0.57 6.53 1.05
CA GLY A 294 0.28 7.44 2.17
C GLY A 294 -1.14 7.21 2.66
N PRO A 295 -1.42 7.60 3.91
CA PRO A 295 -0.50 8.25 4.86
C PRO A 295 0.43 7.27 5.56
N GLY A 296 1.30 7.79 6.42
CA GLY A 296 2.25 6.98 7.15
C GLY A 296 2.00 7.14 8.65
N LEU A 297 2.07 6.04 9.38
CA LEU A 297 1.77 6.12 10.83
C LEU A 297 3.01 5.90 11.68
N ARG A 298 4.04 6.72 11.47
CA ARG A 298 5.20 6.75 12.34
C ARG A 298 5.00 7.80 13.40
N GLY A 299 5.83 7.71 14.47
CA GLY A 299 5.79 8.72 15.52
C GLY A 299 6.11 10.13 15.07
N THR A 300 6.84 10.28 13.96
CA THR A 300 7.14 11.58 13.39
C THR A 300 6.15 12.04 12.32
N SER A 301 5.10 11.29 12.05
CA SER A 301 4.27 11.62 10.92
C SER A 301 3.56 12.93 11.18
N GLN A 302 3.37 13.69 10.12
CA GLN A 302 2.53 14.88 10.17
C GLN A 302 1.18 14.65 9.55
N ASP A 303 0.89 13.42 9.14
CA ASP A 303 -0.37 13.13 8.48
C ASP A 303 -1.55 13.18 9.45
N VAL A 304 -2.67 13.65 8.93
CA VAL A 304 -3.93 13.75 9.67
C VAL A 304 -4.94 12.92 8.92
N LEU A 305 -5.63 11.99 9.60
CA LEU A 305 -6.52 11.11 8.83
C LEU A 305 -7.78 11.86 8.41
N GLU A 306 -8.32 11.49 7.25
CA GLU A 306 -9.61 12.04 6.83
C GLU A 306 -10.46 10.94 6.21
N ALA A 307 -11.76 11.19 6.12
CA ALA A 307 -12.66 10.21 5.54
C ALA A 307 -12.24 9.84 4.11
N GLY A 308 -12.32 8.56 3.81
CA GLY A 308 -11.89 8.06 2.50
C GLY A 308 -10.51 7.48 2.45
N MET A 309 -9.68 7.72 3.46
CA MET A 309 -8.40 7.03 3.49
C MET A 309 -8.58 5.57 3.84
N VAL A 310 -7.64 4.74 3.37
CA VAL A 310 -7.62 3.30 3.67
C VAL A 310 -6.24 2.98 4.20
N ILE A 311 -6.16 2.49 5.45
CA ILE A 311 -4.88 2.32 6.09
C ILE A 311 -4.80 0.96 6.78
N THR A 312 -3.59 0.52 7.00
CA THR A 312 -3.37 -0.63 7.90
C THR A 312 -3.10 -0.14 9.31
N ILE A 313 -3.45 -0.99 10.28
CA ILE A 313 -3.00 -0.85 11.67
C ILE A 313 -2.34 -2.15 12.06
N GLU A 314 -1.04 -2.10 12.40
CA GLU A 314 -0.23 -3.33 12.56
C GLU A 314 0.83 -3.14 13.64
N PRO A 315 0.43 -3.20 14.90
CA PRO A 315 1.44 -3.37 15.95
C PRO A 315 2.11 -4.72 15.82
N GLY A 316 3.29 -4.80 16.39
CA GLY A 316 3.93 -6.09 16.45
C GLY A 316 4.88 -6.08 17.60
N ALA A 317 5.24 -7.29 18.04
CA ALA A 317 6.25 -7.42 19.09
C ALA A 317 7.06 -8.66 18.77
N TYR A 318 8.40 -8.54 18.86
CA TYR A 318 9.30 -9.62 18.44
C TYR A 318 10.33 -9.89 19.51
N LEU A 319 10.53 -11.17 19.81
CA LEU A 319 11.49 -11.62 20.82
C LEU A 319 12.53 -12.46 20.08
N PRO A 320 13.68 -11.87 19.70
CA PRO A 320 14.62 -12.57 18.80
C PRO A 320 15.03 -13.91 19.37
N GLY A 321 15.14 -14.90 18.47
CA GLY A 321 15.41 -16.26 18.84
C GLY A 321 14.25 -16.99 19.44
N VAL A 322 13.11 -16.32 19.63
CA VAL A 322 12.04 -16.98 20.36
C VAL A 322 10.79 -17.00 19.49
N GLY A 323 10.24 -15.83 19.18
CA GLY A 323 9.01 -15.76 18.43
C GLY A 323 8.58 -14.33 18.30
N GLY A 324 7.47 -14.12 17.61
CA GLY A 324 6.94 -12.77 17.51
C GLY A 324 5.54 -12.82 16.97
N VAL A 325 4.85 -11.69 17.10
CA VAL A 325 3.44 -11.59 16.69
C VAL A 325 3.22 -10.27 15.97
N ARG A 326 2.51 -10.33 14.85
N ARG A 326 2.52 -10.33 14.84
CA ARG A 326 1.95 -9.15 14.19
CA ARG A 326 1.96 -9.15 14.17
C ARG A 326 0.49 -9.45 13.90
C ARG A 326 0.49 -9.45 13.90
N ILE A 327 -0.37 -8.44 14.07
CA ILE A 327 -1.78 -8.56 13.75
C ILE A 327 -2.15 -7.26 13.07
N GLU A 328 -2.81 -7.37 11.92
CA GLU A 328 -3.07 -6.19 11.10
C GLU A 328 -4.44 -6.28 10.44
N ASP A 329 -5.18 -5.14 10.48
CA ASP A 329 -6.39 -5.01 9.73
C ASP A 329 -6.30 -3.82 8.81
N LEU A 330 -7.15 -3.87 7.77
CA LEU A 330 -7.30 -2.83 6.75
C LEU A 330 -8.54 -2.04 7.08
N ILE A 331 -8.39 -0.72 7.20
CA ILE A 331 -9.40 0.15 7.82
C ILE A 331 -9.76 1.26 6.88
N LEU A 332 -11.06 1.48 6.68
CA LEU A 332 -11.55 2.64 5.95
C LEU A 332 -11.89 3.73 6.96
N VAL A 333 -11.37 4.95 6.77
CA VAL A 333 -11.78 6.07 7.63
C VAL A 333 -13.12 6.57 7.11
N THR A 334 -14.08 6.74 8.03
CA THR A 334 -15.40 7.17 7.58
C THR A 334 -15.67 8.56 8.11
N GLU A 335 -16.82 9.14 7.75
CA GLU A 335 -17.13 10.51 8.17
C GLU A 335 -17.14 10.64 9.68
N ASP A 336 -17.45 9.58 10.43
CA ASP A 336 -17.55 9.71 11.85
C ASP A 336 -16.97 8.50 12.56
N GLY A 337 -15.90 7.91 12.00
CA GLY A 337 -15.29 6.80 12.67
C GLY A 337 -14.46 5.98 11.66
N TYR A 338 -14.71 4.68 11.67
CA TYR A 338 -13.95 3.77 10.84
C TYR A 338 -14.82 2.58 10.48
N GLU A 339 -14.37 1.83 9.47
CA GLU A 339 -14.98 0.55 9.11
C GLU A 339 -13.85 -0.43 8.86
N VAL A 340 -13.84 -1.56 9.55
CA VAL A 340 -12.80 -2.56 9.32
C VAL A 340 -13.16 -3.35 8.06
N LEU A 341 -12.27 -3.32 7.06
CA LEU A 341 -12.54 -4.00 5.79
C LEU A 341 -12.10 -5.45 5.79
N SER A 342 -11.10 -5.81 6.60
CA SER A 342 -10.58 -7.17 6.63
C SER A 342 -11.35 -7.95 7.69
N HIS A 343 -12.07 -8.98 7.25
CA HIS A 343 -13.05 -9.63 8.10
C HIS A 343 -12.63 -10.99 8.59
N SER A 344 -11.44 -11.50 8.21
CA SER A 344 -11.03 -12.83 8.69
C SER A 344 -10.94 -12.87 10.20
N ALA A 345 -11.24 -14.04 10.74
CA ALA A 345 -11.25 -14.17 12.20
C ALA A 345 -9.92 -13.80 12.82
N LYS A 346 -9.96 -13.21 14.00
CA LYS A 346 -8.79 -13.08 14.87
C LYS A 346 -9.00 -14.02 16.05
N GLU A 347 -8.13 -15.00 16.20
CA GLU A 347 -8.36 -16.09 17.15
C GLU A 347 -7.74 -15.79 18.50
N SER A 348 -8.18 -16.54 19.53
CA SER A 348 -7.34 -16.52 20.72
C SER A 348 -6.24 -17.57 20.59
N VAL A 349 -5.25 -17.49 21.50
CA VAL A 349 -4.16 -18.48 21.52
C VAL A 349 -3.99 -19.01 22.93
P PO4 B . 2.57 -5.25 5.93
O1 PO4 B . 1.38 -5.86 6.65
O2 PO4 B . 3.61 -4.81 6.91
O3 PO4 B . 2.04 -4.18 5.09
O4 PO4 B . 3.09 -6.37 5.00
NA NA C . -0.22 -7.44 6.25
#